data_4JM3
#
_entry.id   4JM3
#
_cell.length_a   109.790
_cell.length_b   109.790
_cell.length_c   87.690
_cell.angle_alpha   90.00
_cell.angle_beta   90.00
_cell.angle_gamma   120.00
#
_symmetry.space_group_name_H-M   'P 31 2 1'
#
loop_
_entity.id
_entity.type
_entity.pdbx_description
1 polymer 'Putative uncharacterized protein mppR'
2 non-polymer '4-(2-HYDROXYETHYL)-1-PIPERAZINE ETHANESULFONIC ACID'
3 water water
#
_entity_poly.entity_id   1
_entity_poly.type   'polypeptide(L)'
_entity_poly.pdbx_seq_one_letter_code
;MVRQHAGPRDRSEIVTTSTGTNGRHTVAGPGSAGPVGYSLPLSPTGESAMLTPPPWHFSGEVVMVDYRVDPDAARRFLPP
GLEPGADPGAAAAVFATWQWCSQDGAELTDPGRCQFGEFLILLSCEFEGRPMARCPYAWVDQAVPMMRGWVQGMPKQFGV
IHQSRPVTVGKAGSRLAPGGRFDGALSVHGRRVVEASVTVDRSTDQPPALHDVPLAHTLVFPEWVPSGGGPRPRLVASEV
SDVEFSPIWTGSGDLTFFDGLGDDFGALAPLEVGSGHVFSYGETLHGGRLLSDYSVSERHQP
;
_entity_poly.pdbx_strand_id   A,B
#
# COMPACT_ATOMS: atom_id res chain seq x y z
N GLY A 34 22.28 -29.74 18.87
CA GLY A 34 21.84 -28.43 19.32
C GLY A 34 20.91 -27.75 18.32
N PRO A 35 20.30 -26.64 18.74
CA PRO A 35 19.37 -26.02 17.79
C PRO A 35 20.08 -25.39 16.58
N VAL A 36 19.34 -25.21 15.50
CA VAL A 36 19.91 -24.78 14.25
C VAL A 36 19.06 -23.69 13.62
N GLY A 37 19.53 -23.16 12.50
CA GLY A 37 18.73 -22.22 11.73
C GLY A 37 19.59 -21.35 10.84
N TYR A 38 19.01 -20.83 9.77
CA TYR A 38 19.75 -19.91 8.92
C TYR A 38 20.11 -18.65 9.69
N SER A 39 19.24 -18.25 10.60
CA SER A 39 19.46 -17.08 11.45
C SER A 39 18.86 -17.33 12.82
N LEU A 40 19.11 -16.44 13.76
CA LEU A 40 18.34 -16.46 15.00
C LEU A 40 16.84 -16.27 14.72
N PRO A 41 15.96 -16.77 15.63
CA PRO A 41 16.30 -17.69 16.73
C PRO A 41 16.60 -19.09 16.23
N LEU A 42 17.60 -19.73 16.81
CA LEU A 42 17.88 -21.14 16.58
C LEU A 42 16.74 -21.99 17.15
N SER A 43 16.47 -23.13 16.53
CA SER A 43 15.40 -24.01 17.03
C SER A 43 15.70 -25.42 16.60
N PRO A 44 15.08 -26.41 17.25
CA PRO A 44 15.47 -27.79 16.95
C PRO A 44 15.34 -28.17 15.49
N THR A 45 14.32 -27.69 14.77
CA THR A 45 14.16 -28.07 13.37
C THR A 45 14.65 -27.00 12.41
N GLY A 46 14.98 -25.83 12.94
CA GLY A 46 15.40 -24.71 12.12
C GLY A 46 14.25 -23.86 11.56
N GLU A 47 13.02 -24.16 11.92
CA GLU A 47 11.89 -23.48 11.32
C GLU A 47 11.66 -22.10 11.94
N SER A 48 12.14 -21.88 13.17
CA SER A 48 11.84 -20.61 13.85
C SER A 48 12.66 -19.44 13.31
N ALA A 49 13.71 -19.71 12.54
CA ALA A 49 14.62 -18.64 12.08
C ALA A 49 13.84 -17.47 11.45
N MET A 50 14.22 -16.25 11.82
CA MET A 50 13.56 -15.06 11.29
C MET A 50 13.74 -14.93 9.77
N LEU A 51 14.93 -15.26 9.31
CA LEU A 51 15.28 -15.21 7.88
C LEU A 51 15.38 -16.60 7.27
N THR A 52 15.02 -16.69 6.01
CA THR A 52 15.21 -17.88 5.20
C THR A 52 16.46 -17.76 4.35
N PRO A 53 17.08 -18.89 4.02
CA PRO A 53 18.24 -18.84 3.12
C PRO A 53 17.88 -18.24 1.77
N PRO A 54 18.83 -17.55 1.14
CA PRO A 54 18.57 -17.13 -0.24
C PRO A 54 18.56 -18.35 -1.17
N PRO A 55 18.13 -18.21 -2.42
CA PRO A 55 17.71 -16.97 -3.09
C PRO A 55 16.31 -16.48 -2.70
N TRP A 56 16.14 -15.16 -2.82
CA TRP A 56 14.86 -14.51 -2.65
C TRP A 56 14.48 -13.80 -3.94
N HIS A 57 13.20 -13.87 -4.28
CA HIS A 57 12.66 -13.17 -5.44
C HIS A 57 12.01 -11.86 -5.01
N PHE A 58 12.13 -10.84 -5.85
CA PHE A 58 11.52 -9.52 -5.62
C PHE A 58 10.78 -9.03 -6.86
N SER A 59 9.60 -8.45 -6.61
CA SER A 59 8.81 -7.75 -7.61
C SER A 59 8.34 -6.46 -6.96
N GLY A 60 8.71 -5.32 -7.53
CA GLY A 60 8.42 -4.05 -6.93
C GLY A 60 8.00 -2.96 -7.90
N GLU A 61 7.54 -1.86 -7.31
CA GLU A 61 7.16 -0.65 -8.01
C GLU A 61 8.03 0.47 -7.49
N VAL A 62 8.67 1.19 -8.41
CA VAL A 62 9.68 2.18 -8.08
C VAL A 62 9.31 3.59 -8.56
N VAL A 63 9.62 4.57 -7.71
CA VAL A 63 9.55 6.00 -8.03
C VAL A 63 10.94 6.57 -7.67
N MET A 64 11.70 7.04 -8.67
CA MET A 64 13.13 7.30 -8.53
C MET A 64 13.46 8.65 -9.13
N VAL A 65 14.34 9.38 -8.47
CA VAL A 65 14.79 10.65 -8.97
C VAL A 65 16.32 10.66 -9.02
N ASP A 66 16.85 10.91 -10.22
CA ASP A 66 18.28 11.09 -10.40
C ASP A 66 18.63 12.49 -9.96
N TYR A 67 19.74 12.65 -9.24
CA TYR A 67 20.17 13.99 -8.88
C TYR A 67 21.68 14.15 -8.82
N ARG A 68 22.10 15.40 -8.65
CA ARG A 68 23.52 15.73 -8.62
C ARG A 68 23.91 15.98 -7.17
N VAL A 69 24.91 15.23 -6.70
CA VAL A 69 25.44 15.38 -5.34
C VAL A 69 26.84 15.97 -5.40
N ASP A 70 27.26 16.63 -4.32
CA ASP A 70 28.62 17.13 -4.21
C ASP A 70 29.59 15.94 -4.27
N PRO A 71 30.48 15.91 -5.28
CA PRO A 71 31.32 14.71 -5.45
C PRO A 71 32.26 14.50 -4.26
N ASP A 72 32.71 15.59 -3.64
CA ASP A 72 33.58 15.49 -2.48
C ASP A 72 32.81 14.87 -1.30
N ALA A 73 31.52 15.17 -1.18
CA ALA A 73 30.74 14.57 -0.09
C ALA A 73 30.50 13.10 -0.37
N ALA A 74 30.20 12.78 -1.62
CA ALA A 74 29.99 11.39 -2.02
C ALA A 74 31.23 10.51 -1.78
N ARG A 75 32.42 11.03 -2.13
CA ARG A 75 33.68 10.30 -1.97
C ARG A 75 33.89 9.81 -0.52
N ARG A 76 33.49 10.64 0.44
CA ARG A 76 33.69 10.37 1.86
C ARG A 76 32.82 9.22 2.36
N PHE A 77 31.77 8.87 1.61
CA PHE A 77 30.97 7.67 1.93
C PHE A 77 31.46 6.39 1.25
N LEU A 78 32.49 6.49 0.44
CA LEU A 78 33.01 5.32 -0.26
C LEU A 78 34.16 4.71 0.55
N PRO A 79 34.03 3.42 0.93
CA PRO A 79 35.13 2.76 1.65
C PRO A 79 36.31 2.39 0.74
N PRO A 80 37.45 2.00 1.33
CA PRO A 80 38.63 1.64 0.53
C PRO A 80 38.27 0.60 -0.52
N GLY A 81 38.76 0.80 -1.74
CA GLY A 81 38.49 -0.12 -2.84
C GLY A 81 37.37 0.38 -3.73
N LEU A 82 36.45 1.15 -3.16
CA LEU A 82 35.38 1.73 -3.93
C LEU A 82 35.77 3.16 -4.35
N GLU A 83 35.83 3.40 -5.65
CA GLU A 83 36.34 4.66 -6.17
C GLU A 83 35.23 5.50 -6.81
N PRO A 84 35.48 6.79 -6.98
CA PRO A 84 34.45 7.68 -7.55
C PRO A 84 33.95 7.24 -8.92
N GLY A 85 32.65 7.38 -9.17
CA GLY A 85 32.07 7.10 -10.47
C GLY A 85 32.82 7.76 -11.64
N ALA A 86 32.66 7.22 -12.84
CA ALA A 86 33.09 7.92 -14.05
C ALA A 86 32.36 9.26 -14.09
N ASP A 87 31.17 9.30 -13.50
CA ASP A 87 30.49 10.54 -13.20
C ASP A 87 30.29 10.66 -11.68
N PRO A 88 31.30 11.24 -11.01
CA PRO A 88 31.33 11.27 -9.54
C PRO A 88 30.11 11.95 -8.95
N GLY A 89 29.50 12.90 -9.65
CA GLY A 89 28.35 13.59 -9.07
C GLY A 89 26.98 12.94 -9.22
N ALA A 90 26.91 11.79 -9.86
CA ALA A 90 25.63 11.16 -10.12
C ALA A 90 25.11 10.39 -8.89
N ALA A 91 23.89 10.72 -8.50
CA ALA A 91 23.20 10.07 -7.41
C ALA A 91 21.73 9.85 -7.77
N ALA A 92 21.03 9.14 -6.89
CA ALA A 92 19.62 8.90 -7.03
C ALA A 92 18.96 8.73 -5.68
N ALA A 93 17.70 9.16 -5.62
CA ALA A 93 16.81 8.90 -4.50
C ALA A 93 15.75 7.91 -4.96
N VAL A 94 15.63 6.79 -4.27
CA VAL A 94 14.75 5.72 -4.73
C VAL A 94 13.69 5.31 -3.70
N PHE A 95 12.42 5.56 -4.04
CA PHE A 95 11.27 4.99 -3.35
C PHE A 95 10.81 3.69 -4.02
N ALA A 96 10.55 2.67 -3.23
CA ALA A 96 10.00 1.43 -3.78
C ALA A 96 9.07 0.73 -2.81
N THR A 97 8.12 0.02 -3.39
CA THR A 97 7.31 -0.97 -2.65
C THR A 97 7.58 -2.35 -3.26
N TRP A 98 7.78 -3.34 -2.39
CA TRP A 98 8.23 -4.65 -2.81
C TRP A 98 7.29 -5.72 -2.29
N GLN A 99 7.11 -6.75 -3.09
CA GLN A 99 6.72 -8.07 -2.61
C GLN A 99 7.93 -8.99 -2.79
N TRP A 100 8.17 -9.87 -1.83
CA TRP A 100 9.28 -10.79 -1.95
C TRP A 100 8.88 -12.18 -1.50
N CYS A 101 9.66 -13.18 -1.89
CA CYS A 101 9.45 -14.52 -1.34
C CYS A 101 10.70 -15.36 -1.50
N SER A 102 10.75 -16.45 -0.76
CA SER A 102 11.79 -17.44 -0.92
C SER A 102 11.52 -18.31 -2.14
N GLN A 103 12.42 -19.24 -2.40
CA GLN A 103 12.32 -20.08 -3.58
C GLN A 103 11.00 -20.84 -3.62
N ASP A 104 10.48 -21.23 -2.45
CA ASP A 104 9.22 -21.98 -2.42
C ASP A 104 7.94 -21.15 -2.57
N GLY A 105 8.09 -19.82 -2.58
CA GLY A 105 6.97 -18.90 -2.73
C GLY A 105 5.99 -18.83 -1.54
N ALA A 106 6.37 -19.44 -0.42
CA ALA A 106 5.42 -19.63 0.67
C ALA A 106 4.92 -18.30 1.28
N GLU A 107 5.76 -17.27 1.30
CA GLU A 107 5.42 -16.01 1.95
C GLU A 107 4.32 -15.26 1.19
N LEU A 108 4.14 -15.61 -0.07
CA LEU A 108 3.24 -14.85 -0.96
C LEU A 108 1.78 -14.93 -0.52
N THR A 109 1.40 -15.98 0.20
CA THR A 109 0.02 -16.17 0.63
C THR A 109 -0.32 -15.37 1.89
N ASP A 110 0.69 -14.72 2.47
CA ASP A 110 0.53 -13.85 3.62
C ASP A 110 1.01 -12.46 3.23
N PRO A 111 0.12 -11.64 2.67
CA PRO A 111 0.57 -10.33 2.18
C PRO A 111 1.17 -9.48 3.30
N GLY A 112 0.73 -9.75 4.52
CA GLY A 112 1.31 -9.08 5.67
C GLY A 112 2.75 -9.44 5.95
N ARG A 113 3.22 -10.59 5.45
CA ARG A 113 4.60 -11.01 5.65
C ARG A 113 5.51 -10.73 4.47
N CYS A 114 4.96 -10.54 3.28
CA CYS A 114 5.80 -10.51 2.07
C CYS A 114 5.92 -9.16 1.42
N GLN A 115 5.40 -8.13 2.07
CA GLN A 115 5.43 -6.79 1.52
C GLN A 115 6.25 -5.82 2.40
N PHE A 116 6.91 -4.84 1.79
CA PHE A 116 7.52 -3.75 2.53
C PHE A 116 7.77 -2.57 1.61
N GLY A 117 7.90 -1.39 2.22
CA GLY A 117 8.28 -0.17 1.53
C GLY A 117 9.68 0.27 1.91
N GLU A 118 10.33 1.05 1.06
CA GLU A 118 11.74 1.38 1.22
C GLU A 118 12.07 2.72 0.56
N PHE A 119 12.98 3.45 1.19
CA PHE A 119 13.62 4.61 0.56
C PHE A 119 15.11 4.41 0.66
N LEU A 120 15.82 4.66 -0.45
CA LEU A 120 17.27 4.51 -0.47
C LEU A 120 17.92 5.72 -1.16
N ILE A 121 19.15 6.00 -0.78
CA ILE A 121 20.09 6.83 -1.55
C ILE A 121 21.08 5.91 -2.29
N LEU A 122 21.35 6.23 -3.56
CA LEU A 122 22.39 5.55 -4.34
C LEU A 122 23.41 6.56 -4.84
N LEU A 123 24.68 6.18 -4.73
CA LEU A 123 25.79 6.96 -5.24
C LEU A 123 26.54 6.18 -6.31
N SER A 124 26.93 6.86 -7.39
CA SER A 124 27.71 6.21 -8.44
C SER A 124 29.16 5.96 -7.99
N CYS A 125 29.69 4.78 -8.27
CA CYS A 125 31.07 4.49 -7.92
C CYS A 125 31.59 3.43 -8.88
N GLU A 126 32.83 2.99 -8.68
CA GLU A 126 33.42 1.93 -9.48
C GLU A 126 34.29 1.06 -8.60
N PHE A 127 34.34 -0.22 -8.93
CA PHE A 127 35.29 -1.13 -8.32
C PHE A 127 36.14 -1.71 -9.44
N GLU A 128 37.43 -1.43 -9.39
CA GLU A 128 38.34 -1.92 -10.41
C GLU A 128 37.81 -1.66 -11.82
N GLY A 129 37.36 -0.43 -12.03
CA GLY A 129 37.00 0.01 -13.36
C GLY A 129 35.58 -0.38 -13.77
N ARG A 130 34.84 -1.04 -12.90
CA ARG A 130 33.48 -1.48 -13.26
C ARG A 130 32.46 -0.65 -12.51
N PRO A 131 31.47 -0.09 -13.23
CA PRO A 131 30.47 0.76 -12.57
C PRO A 131 29.59 0.00 -11.57
N MET A 132 29.38 0.60 -10.40
CA MET A 132 28.54 0.04 -9.37
C MET A 132 27.79 1.16 -8.69
N ALA A 133 26.94 0.81 -7.74
CA ALA A 133 26.26 1.80 -6.93
C ALA A 133 26.53 1.48 -5.47
N ARG A 134 26.78 2.53 -4.69
CA ARG A 134 26.88 2.41 -3.24
C ARG A 134 25.62 2.95 -2.63
N CYS A 135 25.05 2.21 -1.69
CA CYS A 135 23.89 2.67 -0.94
C CYS A 135 24.35 3.09 0.45
N PRO A 136 24.49 4.40 0.66
CA PRO A 136 24.98 4.83 1.97
C PRO A 136 23.89 4.86 3.07
N TYR A 137 22.63 4.92 2.64
CA TYR A 137 21.50 5.06 3.56
C TYR A 137 20.28 4.40 2.96
N ALA A 138 19.49 3.75 3.82
CA ALA A 138 18.24 3.14 3.39
C ALA A 138 17.34 3.02 4.61
N TRP A 139 16.03 3.16 4.39
CA TRP A 139 15.00 2.93 5.42
C TRP A 139 13.93 2.03 4.89
N VAL A 140 13.47 1.11 5.75
CA VAL A 140 12.37 0.24 5.42
C VAL A 140 11.33 0.27 6.54
N ASP A 141 10.15 -0.29 6.24
CA ASP A 141 9.07 -0.29 7.19
C ASP A 141 8.66 -1.68 7.71
N GLN A 142 9.53 -2.66 7.51
CA GLN A 142 9.33 -4.01 8.04
C GLN A 142 10.65 -4.57 8.57
N ALA A 143 10.55 -5.33 9.66
CA ALA A 143 11.75 -5.85 10.35
C ALA A 143 12.53 -6.91 9.58
N VAL A 144 11.85 -7.85 8.92
CA VAL A 144 12.57 -8.90 8.20
C VAL A 144 13.48 -8.30 7.12
N PRO A 145 12.93 -7.45 6.27
CA PRO A 145 13.82 -6.81 5.27
C PRO A 145 14.93 -5.95 5.89
N MET A 146 14.65 -5.31 7.02
CA MET A 146 15.75 -4.61 7.68
C MET A 146 16.90 -5.50 8.06
N MET A 147 16.62 -6.61 8.75
CA MET A 147 17.67 -7.52 9.20
C MET A 147 18.36 -8.17 7.99
N ARG A 148 17.58 -8.54 7.00
CA ARG A 148 18.11 -9.15 5.78
C ARG A 148 19.00 -8.17 5.01
N GLY A 149 18.68 -6.90 5.08
CA GLY A 149 19.58 -5.87 4.53
C GLY A 149 20.94 -5.91 5.20
N TRP A 150 20.96 -5.92 6.54
CA TRP A 150 22.26 -5.96 7.24
C TRP A 150 23.04 -7.22 6.86
N VAL A 151 22.34 -8.34 6.64
CA VAL A 151 23.00 -9.58 6.21
C VAL A 151 23.84 -9.35 4.97
N GLN A 152 23.33 -8.54 4.05
CA GLN A 152 24.01 -8.30 2.77
C GLN A 152 24.88 -7.02 2.79
N GLY A 153 24.94 -6.36 3.94
CA GLY A 153 25.73 -5.14 4.11
C GLY A 153 25.00 -3.86 3.73
N MET A 154 23.71 -3.97 3.49
CA MET A 154 22.92 -2.83 3.10
C MET A 154 22.37 -2.15 4.38
N PRO A 155 22.69 -0.86 4.57
CA PRO A 155 22.57 -0.19 5.88
C PRO A 155 21.17 0.29 6.25
N LYS A 156 20.25 -0.65 6.32
CA LYS A 156 18.85 -0.31 6.48
C LYS A 156 18.46 0.05 7.90
N GLN A 157 17.76 1.16 8.03
CA GLN A 157 17.10 1.50 9.28
C GLN A 157 15.58 1.50 9.11
N PHE A 158 14.85 1.89 10.16
CA PHE A 158 13.39 1.81 10.17
C PHE A 158 12.81 3.20 9.97
N GLY A 159 11.78 3.28 9.15
CA GLY A 159 11.08 4.54 8.96
C GLY A 159 9.69 4.34 8.42
N VAL A 160 9.03 5.45 8.12
CA VAL A 160 7.69 5.44 7.51
C VAL A 160 7.79 6.02 6.10
N ILE A 161 7.44 5.20 5.11
CA ILE A 161 7.65 5.52 3.70
C ILE A 161 6.31 5.49 2.94
N HIS A 162 6.00 6.59 2.27
CA HIS A 162 4.75 6.74 1.51
C HIS A 162 5.06 6.88 0.03
N GLN A 163 4.21 6.30 -0.82
CA GLN A 163 4.48 6.30 -2.25
C GLN A 163 3.17 6.26 -3.04
N SER A 164 3.04 7.12 -4.03
CA SER A 164 1.86 7.16 -4.89
C SER A 164 1.84 5.90 -5.74
N ARG A 165 0.63 5.46 -6.05
CA ARG A 165 0.44 4.33 -6.95
C ARG A 165 -0.41 4.76 -8.14
N PRO A 166 -0.07 4.25 -9.32
CA PRO A 166 -0.85 4.54 -10.52
C PRO A 166 -2.24 3.98 -10.35
N VAL A 167 -3.20 4.63 -10.97
CA VAL A 167 -4.56 4.13 -10.98
C VAL A 167 -4.94 3.91 -12.43
N THR A 168 -5.92 3.04 -12.68
CA THR A 168 -6.38 2.85 -14.05
C THR A 168 -7.85 3.18 -14.24
N VAL A 169 -8.54 3.47 -13.14
CA VAL A 169 -9.94 3.87 -13.19
C VAL A 169 -10.17 5.02 -12.21
N GLY A 170 -11.23 5.78 -12.43
CA GLY A 170 -11.60 6.87 -11.53
C GLY A 170 -10.66 8.04 -11.68
N LYS A 171 -10.74 9.00 -10.74
CA LYS A 171 -10.02 10.27 -10.82
C LYS A 171 -9.05 10.51 -9.67
N ALA A 172 -9.02 9.60 -8.70
CA ALA A 172 -8.22 9.83 -7.50
C ALA A 172 -6.81 9.29 -7.66
N GLY A 173 -6.06 9.89 -8.59
CA GLY A 173 -4.70 9.50 -8.81
C GLY A 173 -4.24 9.78 -10.23
N SER A 174 -3.04 9.33 -10.53
CA SER A 174 -2.45 9.52 -11.85
C SER A 174 -2.35 8.19 -12.58
N ARG A 175 -2.46 8.27 -13.91
CA ARG A 175 -2.22 7.14 -14.78
C ARG A 175 -0.78 7.12 -15.20
N LEU A 176 -0.30 5.94 -15.61
CA LEU A 176 0.99 5.84 -16.29
C LEU A 176 0.82 6.34 -17.70
N ALA A 177 0.97 7.64 -17.84
CA ALA A 177 0.73 8.32 -19.10
C ALA A 177 1.28 9.72 -18.95
N PRO A 178 1.52 10.42 -20.08
CA PRO A 178 2.11 11.76 -20.01
C PRO A 178 1.33 12.66 -19.06
N GLY A 179 2.05 13.42 -18.25
CA GLY A 179 1.41 14.29 -17.26
C GLY A 179 1.12 13.66 -15.91
N GLY A 180 1.23 12.33 -15.83
CA GLY A 180 1.00 11.65 -14.55
C GLY A 180 2.05 12.00 -13.49
N ARG A 181 1.60 12.33 -12.30
CA ARG A 181 2.52 12.70 -11.21
C ARG A 181 2.48 11.66 -10.11
N PHE A 182 3.64 11.39 -9.52
CA PHE A 182 3.81 10.38 -8.50
C PHE A 182 4.75 10.92 -7.43
N ASP A 183 4.34 10.78 -6.16
CA ASP A 183 5.04 11.35 -5.03
C ASP A 183 5.55 10.29 -4.05
N GLY A 184 6.62 10.64 -3.38
CA GLY A 184 7.19 9.84 -2.31
C GLY A 184 7.57 10.69 -1.11
N ALA A 185 7.47 10.12 0.08
CA ALA A 185 7.85 10.83 1.29
C ALA A 185 8.42 9.87 2.32
N LEU A 186 9.42 10.33 3.07
CA LEU A 186 10.02 9.57 4.16
C LEU A 186 9.98 10.37 5.46
N SER A 187 9.48 9.76 6.53
CA SER A 187 9.60 10.29 7.88
C SER A 187 10.36 9.28 8.73
N VAL A 188 11.29 9.79 9.50
CA VAL A 188 12.10 8.97 10.39
C VAL A 188 12.00 9.57 11.78
N HIS A 189 11.71 8.73 12.77
CA HIS A 189 11.47 9.21 14.15
C HIS A 189 10.50 10.38 14.21
N GLY A 190 9.48 10.33 13.37
CA GLY A 190 8.43 11.29 13.46
C GLY A 190 8.75 12.62 12.80
N ARG A 191 9.85 12.67 12.03
CA ARG A 191 10.24 13.89 11.31
C ARG A 191 10.30 13.63 9.81
N ARG A 192 9.74 14.57 9.06
CA ARG A 192 9.66 14.44 7.61
C ARG A 192 10.98 14.88 7.02
N VAL A 193 11.72 13.94 6.43
CA VAL A 193 13.10 14.22 6.05
C VAL A 193 13.43 14.19 4.54
N VAL A 194 12.61 13.49 3.74
CA VAL A 194 12.74 13.51 2.29
C VAL A 194 11.37 13.52 1.63
N GLU A 195 11.22 14.37 0.62
CA GLU A 195 10.04 14.37 -0.26
C GLU A 195 10.51 14.42 -1.71
N ALA A 196 9.87 13.64 -2.57
CA ALA A 196 10.23 13.63 -3.99
C ALA A 196 8.96 13.55 -4.84
N SER A 197 9.07 13.99 -6.08
CA SER A 197 7.97 13.92 -7.01
C SER A 197 8.53 13.66 -8.43
N VAL A 198 7.76 12.93 -9.23
CA VAL A 198 8.05 12.73 -10.64
C VAL A 198 6.79 13.06 -11.45
N THR A 199 6.91 13.86 -12.50
CA THR A 199 5.84 13.98 -13.47
C THR A 199 6.32 13.40 -14.78
N VAL A 200 5.72 12.30 -15.21
CA VAL A 200 6.27 11.57 -16.35
C VAL A 200 5.81 12.19 -17.68
N ASP A 201 6.67 12.07 -18.70
CA ASP A 201 6.40 12.63 -20.04
C ASP A 201 6.30 11.55 -21.10
N ARG A 202 7.01 10.45 -20.91
CA ARG A 202 7.19 9.49 -21.97
C ARG A 202 7.61 8.14 -21.44
N SER A 203 7.43 7.12 -22.27
CA SER A 203 7.84 5.77 -21.93
C SER A 203 9.12 5.45 -22.70
N THR A 204 10.05 4.74 -22.06
CA THR A 204 11.30 4.34 -22.70
C THR A 204 11.66 2.93 -22.27
N ASP A 205 12.62 2.32 -22.96
CA ASP A 205 13.14 1.02 -22.52
C ASP A 205 14.54 1.16 -21.92
N GLN A 206 14.90 2.38 -21.52
CA GLN A 206 16.21 2.66 -20.91
C GLN A 206 16.13 2.71 -19.40
N PRO A 207 16.64 1.66 -18.73
CA PRO A 207 16.62 1.63 -17.27
C PRO A 207 17.48 2.76 -16.71
N PRO A 208 17.06 3.38 -15.62
CA PRO A 208 17.90 4.33 -14.90
C PRO A 208 19.24 3.70 -14.54
N ALA A 209 20.33 4.43 -14.79
CA ALA A 209 21.68 3.86 -14.70
C ALA A 209 21.95 3.22 -13.33
N LEU A 210 21.58 3.91 -12.27
CA LEU A 210 21.90 3.46 -10.93
C LEU A 210 20.97 2.34 -10.47
N HIS A 211 19.96 2.00 -11.28
CA HIS A 211 19.14 0.85 -10.94
C HIS A 211 19.41 -0.34 -11.84
N ASP A 212 20.56 -0.33 -12.52
CA ASP A 212 20.96 -1.43 -13.41
C ASP A 212 22.47 -1.69 -13.32
N VAL A 213 23.00 -1.55 -12.10
CA VAL A 213 24.39 -1.91 -11.82
C VAL A 213 24.48 -2.72 -10.52
N PRO A 214 25.60 -3.43 -10.32
CA PRO A 214 25.77 -4.18 -9.06
C PRO A 214 25.85 -3.20 -7.91
N LEU A 215 25.36 -3.62 -6.75
CA LEU A 215 25.45 -2.85 -5.53
C LEU A 215 26.63 -3.37 -4.70
N ALA A 216 27.47 -2.45 -4.24
CA ALA A 216 28.66 -2.78 -3.45
C ALA A 216 28.46 -2.32 -2.02
N HIS A 217 28.40 -3.30 -1.12
CA HIS A 217 28.07 -3.02 0.27
C HIS A 217 29.25 -3.36 1.17
N THR A 218 29.18 -2.92 2.42
CA THR A 218 30.18 -3.28 3.40
C THR A 218 29.53 -4.19 4.42
N LEU A 219 29.99 -5.43 4.50
CA LEU A 219 29.51 -6.39 5.48
C LEU A 219 30.26 -6.16 6.75
N VAL A 220 29.55 -5.66 7.77
CA VAL A 220 30.20 -5.51 9.06
C VAL A 220 29.13 -5.50 10.15
N PHE A 221 29.46 -6.09 11.28
CA PHE A 221 28.51 -6.22 12.38
C PHE A 221 29.26 -5.91 13.66
N PRO A 222 28.63 -5.17 14.59
CA PRO A 222 29.40 -4.77 15.78
C PRO A 222 29.98 -5.95 16.54
N GLU A 223 31.18 -5.76 17.08
CA GLU A 223 31.85 -6.77 17.88
C GLU A 223 31.37 -6.66 19.31
N TRP A 224 30.83 -7.74 19.82
CA TRP A 224 30.28 -7.78 21.17
C TRP A 224 31.33 -8.25 22.15
N VAL A 225 32.20 -9.16 21.74
CA VAL A 225 33.27 -9.61 22.61
C VAL A 225 34.56 -8.92 22.21
N PRO A 231 36.73 -4.30 12.83
CA PRO A 231 36.25 -5.66 13.08
C PRO A 231 36.01 -6.42 11.79
N ARG A 232 37.02 -6.40 10.95
CA ARG A 232 37.05 -7.13 9.70
C ARG A 232 35.80 -6.84 8.82
N PRO A 233 35.60 -5.57 8.46
CA PRO A 233 34.65 -5.32 7.38
C PRO A 233 35.07 -6.03 6.10
N ARG A 234 34.10 -6.38 5.26
CA ARG A 234 34.38 -6.92 3.93
C ARG A 234 33.60 -6.13 2.90
N LEU A 235 34.23 -5.82 1.79
CA LEU A 235 33.54 -5.19 0.66
C LEU A 235 32.97 -6.27 -0.25
N VAL A 236 31.65 -6.23 -0.47
CA VAL A 236 31.01 -7.29 -1.23
C VAL A 236 30.04 -6.72 -2.26
N ALA A 237 29.79 -7.49 -3.32
CA ALA A 237 28.74 -7.18 -4.29
C ALA A 237 27.60 -8.21 -4.21
N SER A 238 26.37 -7.74 -4.33
CA SER A 238 25.23 -8.61 -4.35
C SER A 238 25.08 -9.19 -5.73
N GLU A 239 24.95 -10.50 -5.77
CA GLU A 239 24.72 -11.21 -7.03
C GLU A 239 23.22 -11.41 -7.27
N VAL A 240 22.77 -10.91 -8.41
CA VAL A 240 21.38 -10.98 -8.82
C VAL A 240 21.27 -11.65 -10.19
N SER A 241 20.10 -12.20 -10.50
CA SER A 241 19.82 -12.75 -11.82
C SER A 241 18.41 -12.35 -12.22
N ASP A 242 18.05 -12.61 -13.47
CA ASP A 242 16.68 -12.40 -13.93
C ASP A 242 16.19 -10.99 -13.70
N VAL A 243 17.06 -10.01 -13.86
CA VAL A 243 16.66 -8.62 -13.71
C VAL A 243 15.70 -8.24 -14.84
N GLU A 244 14.58 -7.64 -14.46
CA GLU A 244 13.50 -7.33 -15.40
C GLU A 244 12.93 -5.96 -15.09
N PHE A 245 12.73 -5.17 -16.14
CA PHE A 245 12.09 -3.86 -16.03
C PHE A 245 10.82 -3.83 -16.86
N SER A 246 9.79 -3.15 -16.34
CA SER A 246 8.67 -2.72 -17.18
C SER A 246 9.17 -1.63 -18.10
N PRO A 247 8.33 -1.18 -19.05
CA PRO A 247 8.60 0.12 -19.67
C PRO A 247 8.82 1.16 -18.59
N ILE A 248 9.79 2.04 -18.81
CA ILE A 248 10.13 3.08 -17.85
C ILE A 248 9.40 4.36 -18.23
N TRP A 249 8.60 4.89 -17.33
CA TRP A 249 8.03 6.20 -17.54
C TRP A 249 8.94 7.26 -16.94
N THR A 250 9.41 8.18 -17.77
CA THR A 250 10.38 9.15 -17.31
C THR A 250 9.89 10.55 -17.61
N GLY A 251 10.30 11.48 -16.75
CA GLY A 251 10.00 12.89 -16.91
C GLY A 251 10.81 13.71 -15.93
N SER A 252 10.26 14.84 -15.48
CA SER A 252 10.98 15.73 -14.58
C SER A 252 10.96 15.18 -13.15
N GLY A 253 12.03 15.41 -12.40
CA GLY A 253 12.05 15.00 -11.00
C GLY A 253 12.16 16.21 -10.11
N ASP A 254 11.74 16.04 -8.87
CA ASP A 254 11.89 17.03 -7.83
C ASP A 254 12.25 16.31 -6.53
N LEU A 255 13.12 16.92 -5.74
CA LEU A 255 13.64 16.21 -4.55
C LEU A 255 14.05 17.24 -3.52
N THR A 256 13.60 17.04 -2.29
CA THR A 256 13.94 17.96 -1.20
C THR A 256 14.34 17.17 0.03
N PHE A 257 15.45 17.53 0.66
CA PHE A 257 15.81 16.98 1.97
C PHE A 257 15.45 18.00 3.06
N PHE A 258 15.10 17.52 4.25
CA PHE A 258 14.83 18.38 5.39
C PHE A 258 15.68 17.92 6.57
N ASP A 259 15.90 18.81 7.54
CA ASP A 259 16.69 18.46 8.70
C ASP A 259 16.04 17.35 9.53
N GLY A 260 16.87 16.57 10.21
CA GLY A 260 16.38 15.56 11.11
C GLY A 260 17.12 14.24 11.01
N LEU A 261 18.07 14.11 10.07
CA LEU A 261 18.90 12.91 9.97
C LEU A 261 20.37 13.13 10.31
N GLY A 262 20.74 14.37 10.58
CA GLY A 262 22.12 14.69 10.94
C GLY A 262 22.90 15.31 9.79
N ASP A 263 24.01 15.96 10.14
CA ASP A 263 24.82 16.65 9.14
C ASP A 263 25.51 15.71 8.15
N ASP A 264 25.84 14.49 8.58
CA ASP A 264 26.47 13.54 7.65
C ASP A 264 25.53 13.24 6.48
N PHE A 265 24.29 12.88 6.80
CA PHE A 265 23.28 12.69 5.75
C PHE A 265 23.05 13.95 4.93
N GLY A 266 22.96 15.11 5.58
CA GLY A 266 22.71 16.36 4.90
C GLY A 266 23.72 16.69 3.81
N ALA A 267 24.93 16.18 3.95
CA ALA A 267 25.98 16.43 2.96
C ALA A 267 25.65 15.86 1.60
N LEU A 268 24.70 14.93 1.56
CA LEU A 268 24.29 14.29 0.30
C LEU A 268 23.04 14.93 -0.31
N ALA A 269 22.64 16.10 0.20
CA ALA A 269 21.49 16.82 -0.35
C ALA A 269 21.76 17.22 -1.81
N PRO A 270 20.70 17.27 -2.64
CA PRO A 270 20.90 17.61 -4.06
C PRO A 270 21.41 19.02 -4.31
N LEU A 271 22.38 19.12 -5.19
CA LEU A 271 22.80 20.43 -5.70
C LEU A 271 21.87 20.84 -6.81
N GLU A 272 21.43 19.83 -7.55
CA GLU A 272 20.55 19.99 -8.68
C GLU A 272 19.77 18.69 -8.78
N VAL A 273 18.58 18.75 -9.35
CA VAL A 273 17.73 17.56 -9.49
C VAL A 273 17.42 17.35 -10.97
N GLY A 274 17.57 16.11 -11.40
CA GLY A 274 17.35 15.75 -12.79
C GLY A 274 16.07 15.00 -13.04
N SER A 275 16.17 13.98 -13.88
CA SER A 275 15.02 13.21 -14.33
C SER A 275 14.45 12.28 -13.27
N GLY A 276 13.14 12.06 -13.34
CA GLY A 276 12.44 11.10 -12.51
C GLY A 276 11.95 9.93 -13.35
N HIS A 277 11.82 8.77 -12.73
CA HIS A 277 11.44 7.54 -13.40
C HIS A 277 10.42 6.78 -12.54
N VAL A 278 9.42 6.20 -13.20
CA VAL A 278 8.41 5.39 -12.54
C VAL A 278 8.35 4.06 -13.31
N PHE A 279 8.56 2.95 -12.63
CA PHE A 279 8.63 1.66 -13.29
C PHE A 279 8.47 0.50 -12.35
N SER A 280 8.29 -0.69 -12.91
CA SER A 280 8.28 -1.93 -12.13
C SER A 280 9.58 -2.68 -12.39
N TYR A 281 9.97 -3.47 -11.38
CA TYR A 281 11.27 -4.11 -11.35
C TYR A 281 11.21 -5.45 -10.66
N GLY A 282 11.90 -6.43 -11.24
CA GLY A 282 12.05 -7.72 -10.60
C GLY A 282 13.50 -8.21 -10.64
N GLU A 283 13.85 -9.05 -9.68
CA GLU A 283 15.15 -9.71 -9.69
C GLU A 283 15.09 -10.88 -8.73
N THR A 284 16.11 -11.73 -8.88
CA THR A 284 16.35 -12.77 -7.90
C THR A 284 17.69 -12.44 -7.26
N LEU A 285 17.73 -12.47 -5.94
CA LEU A 285 18.92 -12.09 -5.17
C LEU A 285 19.51 -13.36 -4.58
N HIS A 286 20.77 -13.66 -4.91
CA HIS A 286 21.32 -14.99 -4.64
C HIS A 286 22.28 -15.05 -3.45
N GLY A 287 23.02 -13.99 -3.23
CA GLY A 287 24.08 -14.02 -2.23
C GLY A 287 25.13 -13.00 -2.52
N GLY A 288 26.25 -13.07 -1.80
CA GLY A 288 27.34 -12.14 -1.99
C GLY A 288 28.54 -12.70 -2.74
N ARG A 289 29.26 -11.80 -3.42
CA ARG A 289 30.57 -12.13 -3.93
C ARG A 289 31.58 -11.17 -3.33
N LEU A 290 32.70 -11.70 -2.88
CA LEU A 290 33.70 -10.88 -2.21
C LEU A 290 34.42 -10.00 -3.19
N LEU A 291 34.38 -8.69 -2.93
CA LEU A 291 35.21 -7.76 -3.70
C LEU A 291 36.58 -7.62 -3.04
N SER A 292 36.59 -7.40 -1.72
CA SER A 292 37.85 -7.35 -0.96
C SER A 292 37.61 -7.61 0.51
N ASP A 293 38.49 -8.41 1.10
CA ASP A 293 38.45 -8.59 2.56
C ASP A 293 39.59 -7.80 3.23
N TYR A 294 40.25 -6.97 2.45
CA TYR A 294 41.28 -6.07 2.97
C TYR A 294 42.42 -6.80 3.65
N SER A 295 42.64 -8.05 3.30
CA SER A 295 43.75 -8.80 3.90
C SER A 295 45.03 -8.50 3.13
N VAL A 296 46.19 -8.87 3.68
CA VAL A 296 47.46 -8.58 3.00
C VAL A 296 48.43 -9.78 2.91
N HIS B 25 -23.42 28.96 13.85
CA HIS B 25 -22.10 29.55 14.03
C HIS B 25 -20.97 28.70 13.43
N THR B 26 -21.21 27.42 13.17
CA THR B 26 -20.13 26.53 12.78
C THR B 26 -20.00 26.41 11.26
N VAL B 27 -20.93 27.03 10.54
CA VAL B 27 -20.84 27.03 9.08
C VAL B 27 -20.18 28.33 8.65
N ALA B 28 -19.15 28.22 7.82
CA ALA B 28 -18.58 29.40 7.21
C ALA B 28 -19.69 29.87 6.31
N GLY B 29 -20.11 31.11 6.55
CA GLY B 29 -21.33 31.61 5.98
C GLY B 29 -21.46 33.04 6.47
N PRO B 30 -22.33 33.81 5.80
CA PRO B 30 -22.46 35.25 6.03
C PRO B 30 -22.75 35.57 7.49
N GLY B 31 -21.93 36.45 8.08
CA GLY B 31 -22.11 36.92 9.44
C GLY B 31 -21.87 35.90 10.55
N SER B 32 -21.22 34.78 10.22
CA SER B 32 -20.91 33.75 11.21
C SER B 32 -19.90 34.23 12.26
N ALA B 33 -20.12 33.88 13.53
CA ALA B 33 -19.27 34.37 14.62
C ALA B 33 -18.23 33.35 15.10
N GLY B 34 -18.70 32.32 15.80
CA GLY B 34 -17.81 31.32 16.40
C GLY B 34 -16.84 30.76 15.40
N PRO B 35 -15.96 29.86 15.84
CA PRO B 35 -15.14 29.19 14.83
C PRO B 35 -16.01 28.27 13.99
N VAL B 36 -15.52 27.94 12.79
CA VAL B 36 -16.29 27.21 11.80
C VAL B 36 -15.56 25.96 11.31
N GLY B 37 -16.27 25.13 10.56
CA GLY B 37 -15.68 24.02 9.85
C GLY B 37 -16.72 23.00 9.40
N TYR B 38 -16.39 22.25 8.35
CA TYR B 38 -17.21 21.12 7.92
C TYR B 38 -17.35 20.11 9.05
N SER B 39 -16.28 19.95 9.83
CA SER B 39 -16.26 19.08 11.00
C SER B 39 -15.30 19.65 12.03
N LEU B 40 -15.25 19.01 13.20
CA LEU B 40 -14.19 19.28 14.16
C LEU B 40 -12.82 19.01 13.56
N PRO B 41 -11.79 19.73 14.05
CA PRO B 41 -11.89 20.84 14.99
C PRO B 41 -12.34 22.07 14.25
N LEU B 42 -13.17 22.86 14.89
CA LEU B 42 -13.57 24.17 14.37
C LEU B 42 -12.38 25.13 14.46
N SER B 43 -12.34 26.10 13.56
CA SER B 43 -11.26 27.07 13.57
C SER B 43 -11.73 28.34 12.93
N PRO B 44 -11.03 29.44 13.19
CA PRO B 44 -11.46 30.72 12.61
C PRO B 44 -11.68 30.72 11.08
N THR B 45 -10.82 30.07 10.29
CA THR B 45 -11.02 30.03 8.83
C THR B 45 -11.70 28.75 8.33
N GLY B 46 -11.82 27.75 9.21
CA GLY B 46 -12.35 26.47 8.76
C GLY B 46 -11.31 25.52 8.18
N GLU B 47 -10.04 25.93 8.14
CA GLU B 47 -9.02 25.09 7.51
C GLU B 47 -8.63 23.86 8.35
N SER B 48 -8.82 23.94 9.67
CA SER B 48 -8.39 22.88 10.59
C SER B 48 -9.22 21.60 10.53
N ALA B 49 -10.44 21.70 10.00
CA ALA B 49 -11.41 20.59 10.05
C ALA B 49 -10.75 19.30 9.58
N MET B 50 -10.99 18.21 10.31
CA MET B 50 -10.45 16.91 9.93
C MET B 50 -10.95 16.44 8.56
N LEU B 51 -12.23 16.69 8.28
CA LEU B 51 -12.86 16.26 7.04
C LEU B 51 -13.11 17.43 6.12
N THR B 52 -13.13 17.13 4.82
CA THR B 52 -13.53 18.09 3.82
C THR B 52 -14.94 17.77 3.38
N PRO B 53 -15.68 18.77 2.87
CA PRO B 53 -17.02 18.52 2.35
C PRO B 53 -16.95 17.65 1.13
N PRO B 54 -17.95 16.79 0.94
CA PRO B 54 -18.00 16.04 -0.34
C PRO B 54 -18.24 17.01 -1.51
N PRO B 55 -18.09 16.54 -2.75
CA PRO B 55 -17.83 15.15 -3.18
C PRO B 55 -16.38 14.72 -2.95
N TRP B 56 -16.19 13.41 -2.83
CA TRP B 56 -14.87 12.83 -2.79
C TRP B 56 -14.78 11.78 -3.91
N HIS B 57 -13.62 11.72 -4.53
CA HIS B 57 -13.32 10.72 -5.57
C HIS B 57 -12.52 9.57 -4.98
N PHE B 58 -12.80 8.36 -5.50
CA PHE B 58 -12.16 7.12 -5.08
C PHE B 58 -11.63 6.34 -6.29
N SER B 59 -10.40 5.84 -6.15
CA SER B 59 -9.81 4.93 -7.08
C SER B 59 -9.15 3.81 -6.28
N GLY B 60 -9.61 2.59 -6.51
CA GLY B 60 -9.16 1.46 -5.71
C GLY B 60 -8.94 0.12 -6.41
N GLU B 61 -8.37 -0.82 -5.64
CA GLU B 61 -8.10 -2.20 -6.04
C GLU B 61 -8.79 -3.13 -5.03
N VAL B 62 -9.59 -4.06 -5.56
CA VAL B 62 -10.47 -4.88 -4.76
C VAL B 62 -10.18 -6.36 -4.93
N VAL B 63 -10.28 -7.09 -3.82
CA VAL B 63 -10.22 -8.55 -3.83
C VAL B 63 -11.45 -8.99 -3.03
N MET B 64 -12.41 -9.60 -3.69
CA MET B 64 -13.74 -9.82 -3.14
C MET B 64 -14.14 -11.28 -3.28
N VAL B 65 -14.82 -11.82 -2.25
CA VAL B 65 -15.33 -13.17 -2.33
C VAL B 65 -16.84 -13.18 -2.04
N ASP B 66 -17.60 -13.72 -2.97
CA ASP B 66 -19.04 -13.96 -2.78
C ASP B 66 -19.25 -15.18 -1.89
N TYR B 67 -20.19 -15.10 -0.96
CA TYR B 67 -20.46 -16.24 -0.12
C TYR B 67 -21.91 -16.36 0.30
N ARG B 68 -22.25 -17.52 0.83
CA ARG B 68 -23.60 -17.81 1.28
C ARG B 68 -23.67 -17.63 2.78
N VAL B 69 -24.59 -16.77 3.20
CA VAL B 69 -24.80 -16.47 4.62
C VAL B 69 -26.13 -17.05 5.09
N ASP B 70 -26.25 -17.28 6.40
CA ASP B 70 -27.54 -17.68 6.96
C ASP B 70 -28.52 -16.53 6.75
N PRO B 71 -29.57 -16.73 5.94
CA PRO B 71 -30.48 -15.60 5.63
C PRO B 71 -31.22 -15.07 6.85
N ASP B 72 -31.49 -15.95 7.81
CA ASP B 72 -32.20 -15.52 9.00
C ASP B 72 -31.29 -14.66 9.88
N ALA B 73 -30.00 -14.98 9.87
CA ALA B 73 -29.03 -14.19 10.61
C ALA B 73 -28.86 -12.82 9.95
N ALA B 74 -28.69 -12.81 8.64
CA ALA B 74 -28.56 -11.56 7.88
C ALA B 74 -29.75 -10.64 8.15
N ARG B 75 -30.96 -11.21 8.19
CA ARG B 75 -32.17 -10.41 8.34
C ARG B 75 -32.12 -9.53 9.59
N ARG B 76 -31.54 -10.05 10.66
CA ARG B 76 -31.51 -9.33 11.91
C ARG B 76 -30.58 -8.10 11.89
N PHE B 77 -29.75 -7.99 10.87
CA PHE B 77 -28.90 -6.81 10.68
C PHE B 77 -29.55 -5.76 9.79
N LEU B 78 -30.73 -6.05 9.27
CA LEU B 78 -31.44 -5.11 8.40
C LEU B 78 -32.43 -4.31 9.20
N PRO B 79 -32.25 -2.98 9.27
CA PRO B 79 -33.21 -2.13 10.01
C PRO B 79 -34.56 -2.05 9.32
N PRO B 80 -35.61 -1.60 10.03
CA PRO B 80 -36.91 -1.47 9.40
C PRO B 80 -36.79 -0.63 8.14
N GLY B 81 -37.52 -1.01 7.09
CA GLY B 81 -37.45 -0.31 5.82
C GLY B 81 -36.63 -1.05 4.79
N LEU B 82 -35.65 -1.80 5.27
CA LEU B 82 -34.80 -2.62 4.41
C LEU B 82 -35.31 -4.07 4.45
N GLU B 83 -35.65 -4.62 3.29
CA GLU B 83 -36.16 -5.98 3.17
C GLU B 83 -35.05 -6.92 2.75
N PRO B 84 -35.22 -8.23 2.97
CA PRO B 84 -34.20 -9.20 2.55
C PRO B 84 -33.96 -9.17 1.05
N GLY B 85 -32.74 -9.53 0.65
CA GLY B 85 -32.35 -9.52 -0.73
C GLY B 85 -33.21 -10.49 -1.53
N ALA B 86 -33.31 -10.23 -2.83
CA ALA B 86 -33.98 -11.12 -3.77
C ALA B 86 -33.44 -12.54 -3.63
N ASP B 87 -32.16 -12.63 -3.33
CA ASP B 87 -31.54 -13.87 -2.89
C ASP B 87 -31.06 -13.59 -1.48
N PRO B 88 -31.85 -13.97 -0.49
CA PRO B 88 -31.59 -13.50 0.87
C PRO B 88 -30.26 -13.99 1.44
N GLY B 89 -29.73 -15.09 0.93
CA GLY B 89 -28.48 -15.63 1.45
C GLY B 89 -27.20 -15.11 0.78
N ALA B 90 -27.32 -14.21 -0.18
CA ALA B 90 -26.16 -13.68 -0.89
C ALA B 90 -25.42 -12.64 -0.05
N ALA B 91 -24.14 -12.89 0.16
CA ALA B 91 -23.26 -11.96 0.86
C ALA B 91 -21.90 -11.85 0.16
N ALA B 92 -21.04 -10.97 0.69
CA ALA B 92 -19.68 -10.81 0.18
C ALA B 92 -18.74 -10.29 1.24
N ALA B 93 -17.49 -10.72 1.14
CA ALA B 93 -16.40 -10.23 1.94
C ALA B 93 -15.51 -9.47 0.99
N VAL B 94 -15.23 -8.21 1.33
CA VAL B 94 -14.56 -7.31 0.40
C VAL B 94 -13.29 -6.69 1.02
N PHE B 95 -12.15 -6.94 0.40
CA PHE B 95 -10.90 -6.28 0.72
C PHE B 95 -10.64 -5.22 -0.36
N ALA B 96 -10.27 -4.02 0.06
CA ALA B 96 -9.94 -2.98 -0.90
C ALA B 96 -8.82 -2.07 -0.39
N THR B 97 -8.02 -1.58 -1.33
CA THR B 97 -7.10 -0.48 -1.01
C THR B 97 -7.53 0.68 -1.87
N TRP B 98 -7.56 1.88 -1.27
CA TRP B 98 -8.06 3.06 -1.97
C TRP B 98 -7.07 4.21 -1.97
N GLN B 99 -7.14 5.02 -3.02
CA GLN B 99 -6.68 6.40 -2.97
C GLN B 99 -7.94 7.27 -3.11
N TRP B 100 -7.97 8.42 -2.43
CA TRP B 100 -9.14 9.29 -2.46
C TRP B 100 -8.68 10.75 -2.46
N CYS B 101 -9.55 11.62 -2.93
CA CYS B 101 -9.27 13.05 -2.82
C CYS B 101 -10.56 13.83 -2.90
N SER B 102 -10.47 15.08 -2.49
CA SER B 102 -11.58 15.99 -2.68
C SER B 102 -11.56 16.52 -4.11
N GLN B 103 -12.49 17.40 -4.42
CA GLN B 103 -12.66 17.90 -5.78
C GLN B 103 -11.38 18.56 -6.28
N ASP B 104 -10.69 19.29 -5.39
CA ASP B 104 -9.46 19.98 -5.80
C ASP B 104 -8.24 19.08 -5.95
N GLY B 105 -8.35 17.81 -5.62
CA GLY B 105 -7.25 16.89 -5.81
C GLY B 105 -6.07 17.10 -4.87
N ALA B 106 -6.22 17.99 -3.88
CA ALA B 106 -5.09 18.43 -3.06
C ALA B 106 -4.41 17.29 -2.29
N GLU B 107 -5.21 16.33 -1.82
CA GLU B 107 -4.70 15.22 -1.01
C GLU B 107 -3.74 14.27 -1.76
N LEU B 108 -3.82 14.26 -3.09
CA LEU B 108 -3.12 13.26 -3.90
C LEU B 108 -1.61 13.41 -3.85
N THR B 109 -1.13 14.60 -3.48
CA THR B 109 0.31 14.84 -3.42
C THR B 109 0.95 14.38 -2.11
N ASP B 110 0.13 13.92 -1.18
CA ASP B 110 0.56 13.38 0.10
C ASP B 110 0.03 11.94 0.18
N PRO B 111 0.81 10.99 -0.35
CA PRO B 111 0.27 9.62 -0.38
C PRO B 111 -0.08 9.13 1.02
N GLY B 112 0.66 9.61 2.02
CA GLY B 112 0.36 9.26 3.40
C GLY B 112 -0.99 9.75 3.87
N ARG B 113 -1.57 10.72 3.19
CA ARG B 113 -2.86 11.29 3.61
C ARG B 113 -4.04 10.75 2.80
N CYS B 114 -3.79 10.25 1.61
CA CYS B 114 -4.84 9.95 0.63
C CYS B 114 -5.06 8.45 0.36
N GLN B 115 -4.40 7.58 1.13
CA GLN B 115 -4.51 6.15 0.94
C GLN B 115 -5.06 5.48 2.20
N PHE B 116 -5.85 4.44 2.03
CA PHE B 116 -6.22 3.56 3.13
C PHE B 116 -6.63 2.19 2.63
N GLY B 117 -6.56 1.21 3.53
CA GLY B 117 -7.06 -0.14 3.29
C GLY B 117 -8.32 -0.42 4.08
N GLU B 118 -9.10 -1.42 3.61
CA GLU B 118 -10.41 -1.65 4.15
C GLU B 118 -10.82 -3.10 3.99
N PHE B 119 -11.56 -3.59 4.98
CA PHE B 119 -12.33 -4.82 4.85
C PHE B 119 -13.79 -4.61 5.25
N LEU B 120 -14.70 -5.13 4.42
CA LEU B 120 -16.14 -4.92 4.58
C LEU B 120 -16.88 -6.23 4.41
N ILE B 121 -18.00 -6.36 5.13
CA ILE B 121 -19.03 -7.35 4.84
C ILE B 121 -20.19 -6.65 4.14
N LEU B 122 -20.72 -7.29 3.11
CA LEU B 122 -21.91 -6.79 2.41
C LEU B 122 -23.00 -7.85 2.41
N LEU B 123 -24.23 -7.40 2.65
CA LEU B 123 -25.40 -8.27 2.64
C LEU B 123 -26.38 -7.77 1.61
N SER B 124 -26.96 -8.69 0.83
CA SER B 124 -27.98 -8.33 -0.15
C SER B 124 -29.28 -7.90 0.55
N CYS B 125 -29.86 -6.79 0.12
CA CYS B 125 -31.14 -6.34 0.63
C CYS B 125 -31.91 -5.59 -0.47
N GLU B 126 -33.10 -5.07 -0.13
CA GLU B 126 -33.89 -4.27 -1.06
C GLU B 126 -34.61 -3.13 -0.36
N PHE B 127 -34.71 -1.99 -1.06
CA PHE B 127 -35.57 -0.91 -0.59
C PHE B 127 -36.58 -0.64 -1.68
N GLU B 128 -37.85 -0.81 -1.32
CA GLU B 128 -38.97 -0.61 -2.24
C GLU B 128 -38.73 -1.28 -3.59
N GLY B 129 -38.32 -2.54 -3.55
CA GLY B 129 -38.14 -3.34 -4.76
C GLY B 129 -36.81 -3.17 -5.48
N ARG B 130 -35.93 -2.35 -4.94
CA ARG B 130 -34.68 -2.06 -5.63
C ARG B 130 -33.52 -2.72 -4.91
N PRO B 131 -32.67 -3.45 -5.65
CA PRO B 131 -31.54 -4.10 -4.97
C PRO B 131 -30.56 -3.09 -4.39
N MET B 132 -30.12 -3.37 -3.17
CA MET B 132 -29.10 -2.56 -2.53
C MET B 132 -28.21 -3.48 -1.72
N ALA B 133 -27.18 -2.90 -1.10
CA ALA B 133 -26.36 -3.66 -0.20
C ALA B 133 -26.28 -2.97 1.17
N ARG B 134 -26.34 -3.80 2.21
CA ARG B 134 -26.14 -3.36 3.58
C ARG B 134 -24.73 -3.75 4.00
N CYS B 135 -24.03 -2.81 4.60
CA CYS B 135 -22.72 -3.09 5.16
C CYS B 135 -22.83 -3.10 6.69
N PRO B 136 -22.93 -4.30 7.30
CA PRO B 136 -23.08 -4.39 8.76
C PRO B 136 -21.78 -4.16 9.53
N TYR B 137 -20.65 -4.43 8.87
CA TYR B 137 -19.31 -4.30 9.46
C TYR B 137 -18.28 -3.84 8.44
N ALA B 138 -17.36 -3.00 8.91
CA ALA B 138 -16.24 -2.54 8.12
C ALA B 138 -15.08 -2.20 9.03
N TRP B 139 -13.87 -2.42 8.56
CA TRP B 139 -12.66 -1.98 9.27
C TRP B 139 -11.75 -1.27 8.28
N VAL B 140 -11.12 -0.20 8.75
CA VAL B 140 -10.16 0.53 7.97
C VAL B 140 -8.92 0.80 8.80
N ASP B 141 -7.87 1.27 8.14
CA ASP B 141 -6.58 1.48 8.80
C ASP B 141 -6.12 2.94 8.84
N GLN B 142 -7.06 3.84 8.60
CA GLN B 142 -6.79 5.27 8.71
C GLN B 142 -7.96 5.98 9.36
N ALA B 143 -7.65 6.97 10.18
CA ALA B 143 -8.67 7.68 10.95
C ALA B 143 -9.62 8.55 10.13
N VAL B 144 -9.12 9.25 9.11
CA VAL B 144 -10.01 10.12 8.34
C VAL B 144 -11.13 9.32 7.65
N PRO B 145 -10.78 8.26 6.91
CA PRO B 145 -11.82 7.38 6.37
C PRO B 145 -12.72 6.77 7.42
N MET B 146 -12.18 6.44 8.58
CA MET B 146 -13.04 5.92 9.65
C MET B 146 -14.17 6.91 10.04
N MET B 147 -13.79 8.16 10.33
N MET B 147 -13.79 8.16 10.28
CA MET B 147 -14.75 9.18 10.72
CA MET B 147 -14.73 9.17 10.73
C MET B 147 -15.71 9.50 9.58
C MET B 147 -15.69 9.56 9.59
N ARG B 148 -15.16 9.60 8.37
CA ARG B 148 -15.95 9.95 7.18
C ARG B 148 -16.98 8.83 6.93
N GLY B 149 -16.60 7.61 7.27
CA GLY B 149 -17.53 6.49 7.26
C GLY B 149 -18.72 6.71 8.19
N TRP B 150 -18.45 7.07 9.43
CA TRP B 150 -19.56 7.33 10.35
C TRP B 150 -20.45 8.46 9.83
N VAL B 151 -19.87 9.43 9.15
CA VAL B 151 -20.66 10.54 8.63
C VAL B 151 -21.75 10.03 7.69
N GLN B 152 -21.41 9.01 6.91
CA GLN B 152 -22.35 8.48 5.92
C GLN B 152 -23.13 7.24 6.43
N GLY B 153 -22.93 6.90 7.71
CA GLY B 153 -23.63 5.77 8.32
C GLY B 153 -22.94 4.42 8.14
N MET B 154 -21.73 4.42 7.58
CA MET B 154 -20.98 3.20 7.34
C MET B 154 -20.19 2.87 8.60
N PRO B 155 -20.43 1.69 9.19
CA PRO B 155 -19.99 1.42 10.58
C PRO B 155 -18.52 1.02 10.73
N LYS B 156 -17.61 1.92 10.43
CA LYS B 156 -16.20 1.58 10.32
C LYS B 156 -15.50 1.62 11.67
N GLN B 157 -14.74 0.58 11.94
CA GLN B 157 -13.86 0.52 13.09
C GLN B 157 -12.41 0.37 12.59
N PHE B 158 -11.45 0.31 13.50
CA PHE B 158 -10.05 0.33 13.11
C PHE B 158 -9.49 -1.11 13.11
N GLY B 159 -8.68 -1.44 12.11
CA GLY B 159 -8.02 -2.73 12.06
C GLY B 159 -6.78 -2.72 11.18
N VAL B 160 -6.16 -3.89 11.06
CA VAL B 160 -5.00 -4.06 10.22
C VAL B 160 -5.42 -4.99 9.07
N ILE B 161 -5.24 -4.50 7.84
CA ILE B 161 -5.77 -5.13 6.67
C ILE B 161 -4.65 -5.32 5.65
N HIS B 162 -4.47 -6.58 5.23
CA HIS B 162 -3.45 -6.93 4.24
C HIS B 162 -4.11 -7.44 2.97
N GLN B 163 -3.51 -7.13 1.81
CA GLN B 163 -4.07 -7.49 0.53
C GLN B 163 -2.96 -7.65 -0.51
N SER B 164 -2.96 -8.77 -1.22
CA SER B 164 -2.05 -9.02 -2.32
C SER B 164 -2.29 -8.01 -3.43
N ARG B 165 -1.21 -7.66 -4.12
CA ARG B 165 -1.28 -6.77 -5.28
C ARG B 165 -0.72 -7.55 -6.48
N PRO B 166 -1.35 -7.41 -7.64
CA PRO B 166 -0.82 -8.06 -8.84
C PRO B 166 0.57 -7.51 -9.15
N VAL B 167 1.43 -8.33 -9.75
CA VAL B 167 2.73 -7.86 -10.23
C VAL B 167 2.76 -8.02 -11.76
N THR B 168 3.68 -7.33 -12.43
CA THR B 168 3.80 -7.42 -13.88
C THR B 168 5.21 -7.82 -14.30
N VAL B 169 6.14 -7.86 -13.34
CA VAL B 169 7.51 -8.30 -13.64
C VAL B 169 7.94 -9.15 -12.45
N GLY B 170 8.91 -10.02 -12.69
CA GLY B 170 9.46 -10.84 -11.63
C GLY B 170 8.56 -12.01 -11.26
N LYS B 171 8.93 -12.69 -10.19
CA LYS B 171 8.29 -13.94 -9.77
C LYS B 171 7.55 -13.80 -8.44
N ALA B 172 7.79 -12.71 -7.71
CA ALA B 172 7.26 -12.57 -6.34
C ALA B 172 5.84 -12.06 -6.29
N GLY B 173 4.94 -12.86 -6.83
CA GLY B 173 3.55 -12.51 -6.84
C GLY B 173 2.83 -13.13 -7.99
N SER B 174 1.57 -12.75 -8.13
CA SER B 174 0.71 -13.27 -9.19
C SER B 174 0.36 -12.17 -10.21
N ARG B 175 0.16 -12.59 -11.45
CA ARG B 175 -0.31 -11.71 -12.52
C ARG B 175 -1.83 -11.75 -12.62
N LEU B 176 -2.41 -10.74 -13.23
CA LEU B 176 -3.83 -10.80 -13.60
C LEU B 176 -3.95 -11.71 -14.81
N ALA B 177 -4.04 -12.99 -14.55
CA ALA B 177 -4.04 -14.02 -15.59
C ALA B 177 -4.54 -15.32 -14.97
N PRO B 178 -4.97 -16.27 -15.81
CA PRO B 178 -5.50 -17.49 -15.21
C PRO B 178 -4.47 -18.12 -14.28
N GLY B 179 -4.89 -18.55 -13.11
CA GLY B 179 -3.99 -19.14 -12.13
C GLY B 179 -3.45 -18.15 -11.11
N GLY B 180 -3.64 -16.86 -11.33
CA GLY B 180 -3.18 -15.87 -10.36
C GLY B 180 -3.94 -15.99 -9.06
N ARG B 181 -3.21 -16.02 -7.95
CA ARG B 181 -3.81 -16.08 -6.61
C ARG B 181 -3.59 -14.76 -5.85
N PHE B 182 -4.65 -14.31 -5.16
CA PHE B 182 -4.65 -13.07 -4.40
C PHE B 182 -5.28 -13.31 -3.05
N ASP B 183 -4.61 -12.83 -1.99
CA ASP B 183 -5.05 -13.08 -0.63
C ASP B 183 -5.37 -11.80 0.12
N GLY B 184 -6.22 -11.93 1.14
CA GLY B 184 -6.54 -10.85 2.03
C GLY B 184 -6.63 -11.35 3.46
N ALA B 185 -6.26 -10.50 4.43
CA ALA B 185 -6.34 -10.85 5.85
C ALA B 185 -6.70 -9.62 6.67
N LEU B 186 -7.50 -9.85 7.70
CA LEU B 186 -7.87 -8.81 8.67
C LEU B 186 -7.52 -9.25 10.08
N SER B 187 -6.81 -8.38 10.81
CA SER B 187 -6.63 -8.53 12.25
C SER B 187 -7.21 -7.34 12.96
N VAL B 188 -7.90 -7.62 14.05
CA VAL B 188 -8.52 -6.58 14.86
C VAL B 188 -8.09 -6.82 16.31
N HIS B 189 -7.57 -5.77 16.95
CA HIS B 189 -7.01 -5.88 18.29
C HIS B 189 -6.05 -7.06 18.42
N GLY B 190 -5.22 -7.25 17.41
CA GLY B 190 -4.15 -8.23 17.45
C GLY B 190 -4.57 -9.69 17.27
N ARG B 191 -5.81 -9.90 16.84
CA ARG B 191 -6.33 -11.23 16.55
C ARG B 191 -6.72 -11.35 15.07
N ARG B 192 -6.33 -12.46 14.47
CA ARG B 192 -6.58 -12.68 13.05
C ARG B 192 -7.98 -13.20 12.92
N VAL B 193 -8.86 -12.41 12.29
CA VAL B 193 -10.30 -12.74 12.31
C VAL B 193 -10.93 -13.07 10.95
N VAL B 194 -10.32 -12.67 9.83
CA VAL B 194 -10.80 -13.06 8.52
C VAL B 194 -9.62 -13.31 7.58
N GLU B 195 -9.68 -14.39 6.83
CA GLU B 195 -8.72 -14.66 5.75
C GLU B 195 -9.49 -15.06 4.49
N ALA B 196 -9.07 -14.53 3.34
CA ALA B 196 -9.74 -14.81 2.06
C ALA B 196 -8.69 -15.04 0.98
N SER B 197 -9.06 -15.81 -0.04
CA SER B 197 -8.19 -16.07 -1.17
C SER B 197 -9.04 -16.16 -2.42
N VAL B 198 -8.52 -15.62 -3.53
CA VAL B 198 -9.11 -15.84 -4.86
C VAL B 198 -8.06 -16.39 -5.82
N THR B 199 -8.40 -17.43 -6.56
CA THR B 199 -7.57 -17.87 -7.67
C THR B 199 -8.36 -17.68 -8.96
N VAL B 200 -7.89 -16.75 -9.78
CA VAL B 200 -8.65 -16.32 -10.95
C VAL B 200 -8.44 -17.25 -12.13
N ASP B 201 -9.46 -17.33 -12.96
N ASP B 201 -9.44 -17.38 -12.98
CA ASP B 201 -9.49 -18.25 -14.10
CA ASP B 201 -9.30 -18.23 -14.15
C ASP B 201 -9.64 -17.49 -15.41
C ASP B 201 -9.87 -17.65 -15.44
N ARG B 202 -10.49 -16.47 -15.39
CA ARG B 202 -10.96 -15.82 -16.60
C ARG B 202 -11.33 -14.36 -16.33
N SER B 203 -11.38 -13.57 -17.40
CA SER B 203 -11.77 -12.17 -17.31
C SER B 203 -13.21 -12.02 -17.76
N THR B 204 -13.94 -11.08 -17.16
CA THR B 204 -15.32 -10.80 -17.57
C THR B 204 -15.61 -9.29 -17.47
N ASP B 205 -16.71 -8.84 -18.06
CA ASP B 205 -17.13 -7.45 -17.89
C ASP B 205 -18.38 -7.36 -17.00
N GLN B 206 -18.63 -8.41 -16.22
CA GLN B 206 -19.78 -8.48 -15.32
C GLN B 206 -19.35 -8.14 -13.90
N PRO B 207 -19.74 -6.96 -13.41
CA PRO B 207 -19.32 -6.57 -12.05
C PRO B 207 -19.98 -7.48 -11.03
N PRO B 208 -19.30 -7.78 -9.91
CA PRO B 208 -19.92 -8.52 -8.81
C PRO B 208 -21.15 -7.78 -8.31
N ALA B 209 -22.25 -8.53 -8.11
CA ALA B 209 -23.55 -7.91 -7.87
C ALA B 209 -23.57 -6.94 -6.68
N LEU B 210 -22.94 -7.32 -5.59
CA LEU B 210 -22.98 -6.49 -4.38
C LEU B 210 -22.02 -5.32 -4.43
N HIS B 211 -21.20 -5.25 -5.49
CA HIS B 211 -20.34 -4.09 -5.69
C HIS B 211 -20.84 -3.13 -6.76
N ASP B 212 -22.09 -3.32 -7.19
CA ASP B 212 -22.67 -2.49 -8.24
C ASP B 212 -24.12 -2.13 -7.91
N VAL B 213 -24.38 -1.89 -6.62
CA VAL B 213 -25.70 -1.48 -6.15
C VAL B 213 -25.53 -0.39 -5.08
N PRO B 214 -26.59 0.40 -4.85
CA PRO B 214 -26.51 1.45 -3.82
C PRO B 214 -26.28 0.84 -2.45
N LEU B 215 -25.54 1.52 -1.58
CA LEU B 215 -25.38 1.08 -0.19
C LEU B 215 -26.40 1.84 0.67
N ALA B 216 -27.10 1.07 1.50
CA ALA B 216 -28.11 1.60 2.42
C ALA B 216 -27.55 1.56 3.85
N HIS B 217 -27.29 2.73 4.41
CA HIS B 217 -26.71 2.86 5.76
C HIS B 217 -27.71 3.43 6.77
N THR B 218 -27.38 3.29 8.05
CA THR B 218 -28.11 3.96 9.10
C THR B 218 -27.32 5.12 9.71
N LEU B 219 -27.87 6.32 9.63
CA LEU B 219 -27.24 7.49 10.23
C LEU B 219 -27.64 7.58 11.68
N VAL B 220 -26.66 7.36 12.54
CA VAL B 220 -26.90 7.54 13.97
C VAL B 220 -25.57 7.80 14.70
N PHE B 221 -25.64 8.68 15.70
CA PHE B 221 -24.46 9.07 16.46
C PHE B 221 -24.88 9.17 17.91
N PRO B 222 -24.02 8.74 18.83
CA PRO B 222 -24.49 8.75 20.22
C PRO B 222 -24.89 10.12 20.71
N GLU B 223 -25.89 10.13 21.58
CA GLU B 223 -26.36 11.33 22.25
C GLU B 223 -25.56 11.50 23.53
N TRP B 224 -24.99 12.69 23.69
CA TRP B 224 -24.15 12.99 24.84
C TRP B 224 -24.97 13.68 25.91
N VAL B 225 -25.88 14.54 25.45
CA VAL B 225 -26.85 15.17 26.32
C VAL B 225 -28.22 14.50 26.10
N PRO B 231 -31.20 9.37 20.40
CA PRO B 231 -30.78 9.28 19.01
C PRO B 231 -31.97 9.07 18.08
N ARG B 232 -31.97 9.73 16.93
CA ARG B 232 -32.99 9.51 15.92
C ARG B 232 -32.36 9.02 14.61
N PRO B 233 -32.27 7.70 14.45
CA PRO B 233 -31.65 7.08 13.28
C PRO B 233 -32.42 7.37 12.00
N ARG B 234 -31.71 7.50 10.90
CA ARG B 234 -32.32 7.66 9.60
C ARG B 234 -31.70 6.64 8.66
N LEU B 235 -32.55 6.04 7.83
CA LEU B 235 -32.10 5.12 6.79
C LEU B 235 -31.78 5.93 5.55
N VAL B 236 -30.54 5.82 5.07
CA VAL B 236 -30.09 6.59 3.91
C VAL B 236 -29.36 5.74 2.87
N ALA B 237 -29.31 6.26 1.64
CA ALA B 237 -28.53 5.66 0.59
C ALA B 237 -27.44 6.61 0.15
N SER B 238 -26.27 6.06 -0.08
CA SER B 238 -25.16 6.87 -0.57
C SER B 238 -25.34 7.08 -2.06
N GLU B 239 -25.27 8.35 -2.45
CA GLU B 239 -25.40 8.74 -3.85
C GLU B 239 -24.02 8.83 -4.48
N VAL B 240 -23.80 8.04 -5.52
CA VAL B 240 -22.51 8.03 -6.22
C VAL B 240 -22.70 8.26 -7.72
N SER B 241 -21.64 8.69 -8.38
CA SER B 241 -21.67 8.83 -9.82
C SER B 241 -20.34 8.32 -10.41
N ASP B 242 -20.32 8.20 -11.72
CA ASP B 242 -19.10 7.86 -12.46
C ASP B 242 -18.49 6.55 -11.97
N VAL B 243 -19.35 5.58 -11.68
CA VAL B 243 -18.89 4.25 -11.27
C VAL B 243 -18.18 3.56 -12.45
N GLU B 244 -17.02 3.00 -12.19
CA GLU B 244 -16.18 2.46 -13.25
C GLU B 244 -15.47 1.20 -12.75
N PHE B 245 -15.53 0.14 -13.57
CA PHE B 245 -14.84 -1.11 -13.29
C PHE B 245 -13.77 -1.39 -14.36
N SER B 246 -12.62 -1.91 -13.94
CA SER B 246 -11.68 -2.51 -14.89
C SER B 246 -12.31 -3.82 -15.32
N PRO B 247 -11.69 -4.52 -16.28
CA PRO B 247 -12.08 -5.91 -16.50
C PRO B 247 -12.04 -6.70 -15.18
N ILE B 248 -12.96 -7.63 -14.99
CA ILE B 248 -13.06 -8.38 -13.73
C ILE B 248 -12.42 -9.75 -13.87
N TRP B 249 -11.43 -10.04 -13.04
CA TRP B 249 -10.84 -11.38 -13.00
C TRP B 249 -11.54 -12.21 -11.94
N THR B 250 -12.13 -13.32 -12.38
CA THR B 250 -12.95 -14.17 -11.51
C THR B 250 -12.47 -15.60 -11.48
N GLY B 251 -12.67 -16.24 -10.34
CA GLY B 251 -12.35 -17.65 -10.20
C GLY B 251 -12.89 -18.14 -8.88
N SER B 252 -12.21 -19.10 -8.28
CA SER B 252 -12.67 -19.70 -7.04
C SER B 252 -12.36 -18.78 -5.88
N GLY B 253 -13.23 -18.74 -4.88
CA GLY B 253 -12.96 -18.01 -3.66
C GLY B 253 -12.84 -18.94 -2.48
N ASP B 254 -12.09 -18.46 -1.48
CA ASP B 254 -12.02 -19.12 -0.19
C ASP B 254 -12.15 -18.04 0.87
N LEU B 255 -12.79 -18.41 1.97
CA LEU B 255 -13.09 -17.44 3.01
C LEU B 255 -13.29 -18.16 4.33
N THR B 256 -12.59 -17.67 5.36
CA THR B 256 -12.65 -18.25 6.70
C THR B 256 -12.76 -17.12 7.72
N PHE B 257 -13.71 -17.26 8.63
CA PHE B 257 -13.80 -16.36 9.80
C PHE B 257 -13.19 -17.04 11.02
N PHE B 258 -12.57 -16.27 11.90
CA PHE B 258 -12.03 -16.82 13.14
C PHE B 258 -12.63 -16.07 14.34
N ASP B 259 -12.59 -16.68 15.51
CA ASP B 259 -13.09 -16.02 16.72
C ASP B 259 -12.31 -14.74 17.03
N GLY B 260 -13.00 -13.78 17.66
CA GLY B 260 -12.37 -12.56 18.13
C GLY B 260 -13.15 -11.29 17.85
N LEU B 261 -14.27 -11.41 17.14
CA LEU B 261 -15.15 -10.26 16.90
C LEU B 261 -16.50 -10.41 17.58
N GLY B 262 -16.70 -11.53 18.29
CA GLY B 262 -17.93 -11.75 19.03
C GLY B 262 -18.98 -12.54 18.27
N ASP B 263 -19.98 -13.04 19.01
CA ASP B 263 -20.97 -13.94 18.42
C ASP B 263 -21.92 -13.25 17.44
N ASP B 264 -22.15 -11.96 17.62
CA ASP B 264 -23.06 -11.26 16.69
C ASP B 264 -22.46 -11.29 15.27
N PHE B 265 -21.17 -10.99 15.18
CA PHE B 265 -20.44 -11.03 13.92
C PHE B 265 -20.35 -12.46 13.40
N GLY B 266 -20.07 -13.40 14.31
CA GLY B 266 -19.96 -14.81 13.97
C GLY B 266 -21.15 -15.41 13.25
N ALA B 267 -22.34 -14.89 13.54
CA ALA B 267 -23.58 -15.35 12.92
C ALA B 267 -23.56 -15.17 11.41
N LEU B 268 -22.67 -14.28 10.93
CA LEU B 268 -22.58 -13.98 9.50
C LEU B 268 -21.48 -14.78 8.78
N ALA B 269 -20.95 -15.78 9.46
CA ALA B 269 -19.89 -16.63 8.89
C ALA B 269 -20.44 -17.41 7.70
N PRO B 270 -19.56 -17.72 6.74
CA PRO B 270 -20.03 -18.37 5.52
C PRO B 270 -20.49 -19.82 5.73
N LEU B 271 -21.62 -20.15 5.13
CA LEU B 271 -22.13 -21.52 5.09
C LEU B 271 -21.47 -22.27 3.95
N GLU B 272 -21.17 -21.52 2.91
CA GLU B 272 -20.60 -22.03 1.68
C GLU B 272 -19.93 -20.81 1.06
N VAL B 273 -18.84 -21.02 0.33
CA VAL B 273 -18.10 -19.91 -0.27
C VAL B 273 -18.12 -20.05 -1.78
N GLY B 274 -18.37 -18.95 -2.50
CA GLY B 274 -18.54 -18.98 -3.94
C GLY B 274 -17.35 -18.41 -4.71
N SER B 275 -17.64 -17.65 -5.76
CA SER B 275 -16.62 -17.05 -6.62
C SER B 275 -15.85 -15.89 -5.99
N GLY B 276 -14.58 -15.78 -6.38
CA GLY B 276 -13.77 -14.66 -5.98
C GLY B 276 -13.57 -13.73 -7.19
N HIS B 277 -13.33 -12.45 -6.93
CA HIS B 277 -13.18 -11.44 -7.98
C HIS B 277 -12.06 -10.50 -7.65
N VAL B 278 -11.25 -10.14 -8.66
CA VAL B 278 -10.17 -9.19 -8.49
C VAL B 278 -10.33 -8.10 -9.55
N PHE B 279 -10.42 -6.84 -9.14
CA PHE B 279 -10.67 -5.76 -10.09
C PHE B 279 -10.34 -4.39 -9.52
N SER B 280 -10.27 -3.40 -10.41
CA SER B 280 -10.09 -2.00 -10.00
C SER B 280 -11.42 -1.28 -10.08
N TYR B 281 -11.63 -0.29 -9.20
CA TYR B 281 -12.93 0.38 -9.06
C TYR B 281 -12.76 1.85 -8.82
N GLY B 282 -13.61 2.64 -9.46
CA GLY B 282 -13.66 4.07 -9.22
C GLY B 282 -15.07 4.58 -9.06
N GLU B 283 -15.23 5.63 -8.27
CA GLU B 283 -16.51 6.32 -8.18
C GLU B 283 -16.30 7.69 -7.57
N THR B 284 -17.33 8.52 -7.71
CA THR B 284 -17.43 9.76 -6.97
C THR B 284 -18.61 9.64 -5.99
N LEU B 285 -18.35 9.97 -4.74
CA LEU B 285 -19.36 9.91 -3.67
C LEU B 285 -19.78 11.33 -3.32
N HIS B 286 -21.10 11.60 -3.39
CA HIS B 286 -21.64 12.96 -3.33
C HIS B 286 -22.32 13.33 -2.01
N GLY B 287 -22.90 12.37 -1.32
CA GLY B 287 -23.80 12.70 -0.24
C GLY B 287 -24.88 11.66 -0.04
N GLY B 288 -25.80 11.92 0.88
CA GLY B 288 -26.82 10.95 1.22
C GLY B 288 -28.19 11.32 0.68
N ARG B 289 -28.98 10.30 0.38
CA ARG B 289 -30.38 10.43 0.05
C ARG B 289 -31.22 9.72 1.12
N LEU B 290 -32.20 10.42 1.65
CA LEU B 290 -33.06 9.86 2.69
C LEU B 290 -33.97 8.75 2.15
N LEU B 291 -33.87 7.57 2.72
CA LEU B 291 -34.80 6.49 2.41
C LEU B 291 -35.93 6.48 3.41
N SER B 292 -35.62 6.64 4.68
CA SER B 292 -36.66 6.80 5.68
C SER B 292 -36.15 7.51 6.93
N ASP B 293 -36.91 8.49 7.42
CA ASP B 293 -36.59 9.05 8.75
C ASP B 293 -37.54 8.49 9.80
N TYR B 294 -38.34 7.50 9.42
CA TYR B 294 -39.20 6.79 10.36
C TYR B 294 -40.27 7.67 11.00
N SER B 295 -40.74 8.67 10.27
CA SER B 295 -41.87 9.48 10.72
C SER B 295 -43.13 9.10 9.95
#